data_3A6M
#
_entry.id   3A6M
#
_cell.length_a   210.382
_cell.length_b   210.382
_cell.length_c   210.382
_cell.angle_alpha   90.00
_cell.angle_beta   90.00
_cell.angle_gamma   90.00
#
_symmetry.space_group_name_H-M   'P 43 3 2'
#
loop_
_entity.id
_entity.type
_entity.pdbx_description
1 polymer 'Protein grpE'
2 water water
#
_entity_poly.entity_id   1
_entity_poly.type   'polypeptide(L)'
_entity_poly.pdbx_seq_one_letter_code
;MEERNHENTLEKDLEAVGQEAQALEERLKAAEEELKGLKDKYLRLLADFDNYRKRMEEELKAREREGVLKALRALLPVLD
DLDRALEFAEASPESIRQGVRAIRDGFFRILAGLGVEEVPGEGEAFDPRYHEAVGLLPGEPGKVAKVFQRGFRMGEALVR
PARVAVGEEKREEADLE
;
_entity_poly.pdbx_strand_id   A,B
#
# COMPACT_ATOMS: atom_id res chain seq x y z
N ARG A 4 -2.07 -60.90 -62.34
CA ARG A 4 -0.91 -60.71 -63.25
C ARG A 4 -0.60 -59.23 -63.43
N ASN A 5 -1.06 -58.66 -64.53
CA ASN A 5 -0.83 -57.24 -64.82
C ASN A 5 -1.91 -56.37 -64.19
N HIS A 6 -2.63 -56.95 -63.23
CA HIS A 6 -3.70 -56.24 -62.53
C HIS A 6 -3.44 -56.20 -61.04
N GLU A 7 -2.62 -57.13 -60.57
CA GLU A 7 -2.27 -57.19 -59.15
C GLU A 7 -0.84 -56.71 -58.93
N ASN A 8 -0.03 -56.76 -59.99
CA ASN A 8 1.36 -56.32 -59.92
C ASN A 8 1.47 -54.82 -60.21
N THR A 9 0.63 -54.34 -61.12
CA THR A 9 0.63 -52.92 -61.47
C THR A 9 -0.18 -52.13 -60.45
N LEU A 10 -1.15 -52.80 -59.83
CA LEU A 10 -1.99 -52.18 -58.81
C LEU A 10 -1.51 -52.60 -57.42
N GLU A 11 -0.34 -53.23 -57.37
CA GLU A 11 0.24 -53.68 -56.12
C GLU A 11 0.51 -52.48 -55.23
N LYS A 12 0.50 -51.29 -55.83
CA LYS A 12 0.74 -50.06 -55.10
C LYS A 12 -0.42 -49.77 -54.15
N ASP A 13 -1.40 -50.65 -54.13
CA ASP A 13 -2.57 -50.49 -53.26
C ASP A 13 -2.11 -50.43 -51.80
N LEU A 14 -0.89 -50.88 -51.56
CA LEU A 14 -0.31 -50.86 -50.23
C LEU A 14 1.03 -50.12 -50.26
N GLU A 15 1.31 -49.47 -51.39
CA GLU A 15 2.55 -48.73 -51.56
C GLU A 15 2.30 -47.23 -51.34
N ALA A 16 1.27 -46.70 -51.99
CA ALA A 16 0.94 -45.28 -51.85
C ALA A 16 0.42 -45.01 -50.44
N VAL A 17 0.17 -46.07 -49.69
CA VAL A 17 -0.30 -45.94 -48.31
C VAL A 17 0.88 -45.62 -47.40
N GLY A 18 2.07 -46.00 -47.85
CA GLY A 18 3.27 -45.75 -47.08
C GLY A 18 3.53 -44.27 -46.84
N GLN A 19 2.92 -43.43 -47.66
CA GLN A 19 3.08 -41.98 -47.53
C GLN A 19 1.90 -41.39 -46.77
N GLU A 20 0.87 -42.21 -46.56
CA GLU A 20 -0.32 -41.78 -45.83
C GLU A 20 -0.31 -42.39 -44.43
N ALA A 21 0.75 -43.13 -44.13
CA ALA A 21 0.89 -43.77 -42.82
C ALA A 21 2.12 -43.24 -42.09
N GLN A 22 3.25 -43.19 -42.79
CA GLN A 22 4.49 -42.71 -42.19
C GLN A 22 4.37 -41.22 -41.88
N ALA A 23 3.47 -40.54 -42.59
CA ALA A 23 3.26 -39.10 -42.37
C ALA A 23 2.42 -38.91 -41.12
N LEU A 24 1.44 -39.78 -40.92
CA LEU A 24 0.58 -39.70 -39.74
C LEU A 24 1.37 -40.23 -38.54
N GLU A 25 2.63 -40.59 -38.79
CA GLU A 25 3.52 -41.09 -37.76
C GLU A 25 4.81 -40.27 -37.80
N GLU A 26 4.79 -39.20 -38.59
CA GLU A 26 5.93 -38.30 -38.74
C GLU A 26 5.57 -36.94 -38.15
N ARG A 27 4.27 -36.75 -37.91
CA ARG A 27 3.76 -35.50 -37.36
C ARG A 27 3.43 -35.71 -35.87
N LEU A 28 2.86 -36.86 -35.55
CA LEU A 28 2.52 -37.18 -34.17
C LEU A 28 3.80 -37.33 -33.35
N LYS A 29 4.93 -37.46 -34.04
CA LYS A 29 6.22 -37.61 -33.38
C LYS A 29 6.79 -36.23 -33.08
N ALA A 30 6.48 -35.27 -33.94
CA ALA A 30 6.95 -33.90 -33.77
C ALA A 30 6.14 -33.19 -32.68
N ALA A 31 4.91 -33.65 -32.48
CA ALA A 31 4.04 -33.04 -31.46
C ALA A 31 4.52 -33.41 -30.06
N GLU A 32 5.68 -34.07 -29.98
CA GLU A 32 6.25 -34.45 -28.69
C GLU A 32 6.70 -33.18 -27.97
N GLU A 33 7.22 -32.24 -28.74
CA GLU A 33 7.67 -30.96 -28.20
C GLU A 33 6.55 -29.94 -28.42
N GLU A 34 5.36 -30.45 -28.69
CA GLU A 34 4.18 -29.61 -28.93
C GLU A 34 3.36 -29.53 -27.65
N LEU A 35 3.58 -30.50 -26.76
CA LEU A 35 2.90 -30.56 -25.48
C LEU A 35 3.97 -30.58 -24.38
N LYS A 36 5.23 -30.55 -24.82
CA LYS A 36 6.37 -30.55 -23.92
C LYS A 36 7.24 -29.32 -24.20
N GLY A 37 7.40 -29.01 -25.49
CA GLY A 37 8.18 -27.85 -25.88
C GLY A 37 7.43 -26.59 -25.48
N LEU A 38 6.11 -26.65 -25.63
CA LEU A 38 5.25 -25.53 -25.27
C LEU A 38 5.23 -25.45 -23.75
N LYS A 39 5.48 -26.59 -23.11
CA LYS A 39 5.50 -26.66 -21.65
C LYS A 39 6.58 -25.75 -21.11
N ASP A 40 7.42 -25.22 -22.00
CA ASP A 40 8.49 -24.31 -21.62
C ASP A 40 7.98 -22.88 -21.59
N LYS A 41 7.55 -22.40 -22.76
CA LYS A 41 7.03 -21.03 -22.87
C LYS A 41 5.91 -20.82 -21.84
N TYR A 42 5.28 -21.91 -21.44
CA TYR A 42 4.19 -21.85 -20.46
C TYR A 42 4.72 -21.92 -19.02
N LEU A 43 5.43 -23.00 -18.70
CA LEU A 43 5.98 -23.17 -17.36
C LEU A 43 7.06 -22.14 -17.04
N ARG A 44 7.33 -21.26 -18.01
CA ARG A 44 8.33 -20.21 -17.83
C ARG A 44 7.59 -18.88 -17.70
N LEU A 45 6.31 -18.90 -18.07
CA LEU A 45 5.47 -17.72 -17.99
C LEU A 45 4.69 -17.80 -16.68
N LEU A 46 4.36 -19.03 -16.27
CA LEU A 46 3.63 -19.26 -15.03
C LEU A 46 4.60 -19.38 -13.86
N ALA A 47 5.90 -19.36 -14.17
CA ALA A 47 6.94 -19.44 -13.15
C ALA A 47 7.33 -18.02 -12.79
N ASP A 48 6.99 -17.09 -13.67
CA ASP A 48 7.27 -15.68 -13.48
C ASP A 48 6.04 -14.98 -12.90
N PHE A 49 4.87 -15.45 -13.31
CA PHE A 49 3.62 -14.88 -12.83
C PHE A 49 3.44 -15.21 -11.35
N ASP A 50 4.12 -16.26 -10.90
CA ASP A 50 4.05 -16.66 -9.50
C ASP A 50 5.35 -16.21 -8.85
N ASN A 51 6.08 -15.34 -9.54
CA ASN A 51 7.35 -14.81 -9.05
C ASN A 51 7.29 -13.28 -9.06
N TYR A 52 7.04 -12.72 -10.23
CA TYR A 52 6.93 -11.28 -10.40
C TYR A 52 5.89 -10.73 -9.43
N ARG A 53 4.69 -11.31 -9.48
CA ARG A 53 3.61 -10.88 -8.60
C ARG A 53 4.04 -11.05 -7.15
N LYS A 54 5.12 -11.80 -6.92
CA LYS A 54 5.63 -12.02 -5.58
C LYS A 54 6.69 -10.95 -5.30
N ARG A 55 7.26 -10.41 -6.37
CA ARG A 55 8.26 -9.35 -6.28
C ARG A 55 7.56 -8.03 -6.00
N MET A 56 6.42 -7.85 -6.66
CA MET A 56 5.62 -6.63 -6.50
C MET A 56 4.80 -6.72 -5.22
N GLU A 57 4.64 -7.93 -4.71
CA GLU A 57 3.90 -8.14 -3.47
C GLU A 57 4.75 -7.41 -2.43
N GLU A 58 5.97 -7.09 -2.81
CA GLU A 58 6.94 -6.39 -1.97
C GLU A 58 6.95 -4.91 -2.30
N GLU A 59 7.28 -4.60 -3.55
CA GLU A 59 7.35 -3.20 -3.98
C GLU A 59 6.06 -2.43 -3.67
N LEU A 60 4.99 -3.15 -3.34
CA LEU A 60 3.75 -2.50 -2.99
C LEU A 60 3.75 -2.20 -1.49
N LYS A 61 3.85 -3.25 -0.67
CA LYS A 61 3.88 -3.07 0.78
C LYS A 61 4.97 -2.09 1.20
N ALA A 62 5.89 -1.82 0.27
CA ALA A 62 6.98 -0.90 0.52
C ALA A 62 6.55 0.52 0.16
N ARG A 63 5.93 0.69 -1.01
CA ARG A 63 5.47 2.01 -1.43
C ARG A 63 4.47 2.58 -0.43
N GLU A 64 3.79 1.71 0.29
CA GLU A 64 2.83 2.19 1.28
C GLU A 64 3.64 2.66 2.47
N ARG A 65 4.51 1.78 2.96
CA ARG A 65 5.38 2.09 4.09
C ARG A 65 6.05 3.44 3.85
N GLU A 66 6.51 3.63 2.62
CA GLU A 66 7.18 4.86 2.21
C GLU A 66 6.20 6.02 2.35
N GLY A 67 4.93 5.75 2.09
CA GLY A 67 3.91 6.77 2.19
C GLY A 67 3.67 7.16 3.63
N VAL A 68 3.60 6.17 4.51
CA VAL A 68 3.40 6.45 5.92
C VAL A 68 4.53 7.33 6.41
N LEU A 69 5.76 6.94 6.07
CA LEU A 69 6.95 7.70 6.48
C LEU A 69 6.88 9.13 5.99
N LYS A 70 6.58 9.29 4.71
CA LYS A 70 6.47 10.61 4.12
C LYS A 70 5.59 11.52 4.95
N ALA A 71 4.52 10.96 5.50
CA ALA A 71 3.57 11.73 6.31
C ALA A 71 4.11 11.94 7.71
N LEU A 72 4.46 10.83 8.35
CA LEU A 72 5.00 10.83 9.70
C LEU A 72 6.11 11.89 9.83
N ARG A 73 6.99 11.93 8.85
CA ARG A 73 8.07 12.89 8.86
C ARG A 73 7.56 14.31 8.79
N ALA A 74 6.58 14.55 7.95
CA ALA A 74 6.03 15.89 7.81
C ALA A 74 5.26 16.31 9.04
N LEU A 75 4.78 15.34 9.81
CA LEU A 75 3.98 15.67 10.95
C LEU A 75 4.67 15.65 12.31
N LEU A 76 5.84 15.02 12.38
CA LEU A 76 6.59 14.97 13.63
C LEU A 76 6.82 16.36 14.24
N PRO A 77 7.06 17.36 13.41
CA PRO A 77 7.28 18.73 13.89
C PRO A 77 6.18 19.22 14.81
N VAL A 78 5.04 18.54 14.82
CA VAL A 78 3.97 18.99 15.71
C VAL A 78 4.30 18.49 17.10
N LEU A 79 4.77 17.25 17.16
CA LEU A 79 5.13 16.65 18.43
C LEU A 79 6.22 17.51 19.04
N ASP A 80 7.11 17.98 18.17
CA ASP A 80 8.21 18.82 18.59
C ASP A 80 7.67 20.09 19.18
N ASP A 81 6.75 20.76 18.48
CA ASP A 81 6.16 21.99 18.98
C ASP A 81 5.39 21.75 20.28
N LEU A 82 4.79 20.58 20.42
CA LEU A 82 4.05 20.31 21.64
C LEU A 82 5.06 20.26 22.77
N ASP A 83 6.21 19.64 22.48
CA ASP A 83 7.28 19.56 23.47
C ASP A 83 7.77 20.99 23.75
N ARG A 84 8.22 21.68 22.71
CA ARG A 84 8.70 23.04 22.88
C ARG A 84 7.75 23.87 23.73
N ALA A 85 6.47 23.53 23.74
CA ALA A 85 5.50 24.30 24.51
C ALA A 85 5.46 23.92 25.97
N LEU A 86 5.49 22.64 26.26
CA LEU A 86 5.46 22.18 27.63
C LEU A 86 6.66 22.61 28.45
N GLU A 87 7.83 22.76 27.81
CA GLU A 87 9.03 23.13 28.54
C GLU A 87 9.25 24.64 28.64
N PHE A 88 8.65 25.40 27.75
CA PHE A 88 8.81 26.85 27.76
C PHE A 88 7.50 27.59 27.92
N ALA A 89 6.76 27.66 26.82
CA ALA A 89 5.47 28.35 26.72
C ALA A 89 4.62 28.48 27.99
N GLU A 90 4.86 27.62 28.97
CA GLU A 90 4.11 27.66 30.22
C GLU A 90 4.17 29.04 30.88
N ALA A 91 4.85 29.97 30.20
CA ALA A 91 4.99 31.33 30.68
C ALA A 91 3.66 31.90 31.13
N SER A 92 2.73 32.05 30.20
CA SER A 92 1.43 32.58 30.54
C SER A 92 0.30 31.76 29.92
N PRO A 93 -0.82 31.65 30.62
CA PRO A 93 -1.97 30.90 30.10
C PRO A 93 -2.28 31.40 28.69
N GLU A 94 -2.27 32.73 28.53
CA GLU A 94 -2.53 33.36 27.24
C GLU A 94 -1.29 33.27 26.34
N SER A 95 -0.19 32.76 26.90
CA SER A 95 1.03 32.60 26.14
C SER A 95 0.94 31.23 25.46
N ILE A 96 0.48 30.23 26.21
CA ILE A 96 0.32 28.86 25.71
C ILE A 96 -0.84 28.84 24.71
N ARG A 97 -1.93 29.49 25.08
CA ARG A 97 -3.10 29.58 24.23
C ARG A 97 -2.59 30.01 22.84
N GLN A 98 -1.85 31.12 22.78
CA GLN A 98 -1.33 31.57 21.50
C GLN A 98 -0.39 30.55 20.88
N GLY A 99 0.29 29.78 21.73
CA GLY A 99 1.20 28.77 21.23
C GLY A 99 0.45 27.66 20.54
N VAL A 100 -0.57 27.13 21.21
CA VAL A 100 -1.39 26.06 20.67
C VAL A 100 -2.04 26.56 19.38
N ARG A 101 -2.59 27.77 19.41
CA ARG A 101 -3.20 28.35 18.22
C ARG A 101 -2.18 28.16 17.12
N ALA A 102 -0.97 28.63 17.39
CA ALA A 102 0.13 28.52 16.45
C ALA A 102 0.34 27.08 15.98
N ILE A 103 0.44 26.14 16.92
CA ILE A 103 0.64 24.74 16.53
C ILE A 103 -0.44 24.28 15.56
N ARG A 104 -1.69 24.60 15.86
CA ARG A 104 -2.78 24.21 14.98
C ARG A 104 -2.52 24.78 13.59
N ASP A 105 -2.36 26.10 13.53
CA ASP A 105 -2.09 26.78 12.27
C ASP A 105 -1.01 26.01 11.52
N GLY A 106 -0.01 25.55 12.26
CA GLY A 106 1.06 24.78 11.67
C GLY A 106 0.58 23.48 11.07
N PHE A 107 -0.18 22.72 11.86
CA PHE A 107 -0.73 21.46 11.40
C PHE A 107 -1.39 21.65 10.03
N PHE A 108 -2.09 22.77 9.84
CA PHE A 108 -2.73 23.03 8.56
C PHE A 108 -1.72 23.16 7.43
N ARG A 109 -0.75 24.05 7.59
CA ARG A 109 0.27 24.22 6.57
C ARG A 109 0.87 22.85 6.25
N ILE A 110 1.21 22.09 7.28
CA ILE A 110 1.78 20.77 7.07
C ILE A 110 0.88 19.91 6.20
N LEU A 111 -0.42 19.93 6.49
CA LEU A 111 -1.38 19.13 5.72
C LEU A 111 -1.43 19.63 4.29
N ALA A 112 -1.53 20.94 4.13
CA ALA A 112 -1.56 21.55 2.81
C ALA A 112 -0.31 21.10 2.06
N GLY A 113 0.80 21.02 2.79
CA GLY A 113 2.03 20.58 2.17
C GLY A 113 1.86 19.25 1.48
N LEU A 114 1.16 18.30 2.11
CA LEU A 114 0.96 16.99 1.49
C LEU A 114 -0.26 17.08 0.59
N GLY A 115 -0.66 18.31 0.26
CA GLY A 115 -1.79 18.53 -0.62
C GLY A 115 -3.10 18.02 -0.07
N VAL A 116 -3.38 18.33 1.19
CA VAL A 116 -4.61 17.90 1.82
C VAL A 116 -5.39 19.14 2.23
N GLU A 117 -6.52 19.39 1.56
CA GLU A 117 -7.36 20.54 1.85
C GLU A 117 -8.53 20.18 2.75
N GLU A 118 -8.99 21.12 3.54
CA GLU A 118 -10.12 20.89 4.43
C GLU A 118 -11.39 21.11 3.64
N VAL A 119 -12.34 20.19 3.75
CA VAL A 119 -13.61 20.31 3.04
C VAL A 119 -14.37 21.50 3.61
N PRO A 120 -15.37 22.01 2.87
CA PRO A 120 -16.21 23.15 3.25
C PRO A 120 -16.92 22.97 4.56
N GLY A 121 -17.12 24.07 5.29
CA GLY A 121 -17.77 23.98 6.59
C GLY A 121 -18.82 25.03 6.87
N GLU A 122 -19.00 25.39 8.14
CA GLU A 122 -20.03 26.35 8.53
C GLU A 122 -20.36 27.37 7.47
N GLY A 123 -21.60 27.34 7.00
CA GLY A 123 -22.03 28.27 5.98
C GLY A 123 -22.09 27.66 4.60
N GLU A 124 -21.27 26.65 4.34
CA GLU A 124 -21.27 26.01 3.03
C GLU A 124 -22.46 25.06 2.85
N ALA A 125 -22.67 24.59 1.62
CA ALA A 125 -23.77 23.69 1.33
C ALA A 125 -23.46 22.31 1.89
N PHE A 126 -24.43 21.75 2.60
CA PHE A 126 -24.29 20.41 3.16
C PHE A 126 -24.14 19.45 1.98
N ASP A 127 -23.03 18.74 1.92
CA ASP A 127 -22.81 17.78 0.84
C ASP A 127 -22.36 16.43 1.40
N PRO A 128 -23.17 15.38 1.24
CA PRO A 128 -22.89 14.02 1.73
C PRO A 128 -21.51 13.51 1.36
N ARG A 129 -21.01 13.95 0.22
CA ARG A 129 -19.72 13.49 -0.24
C ARG A 129 -18.60 13.85 0.75
N TYR A 130 -18.74 14.97 1.44
CA TYR A 130 -17.74 15.43 2.40
C TYR A 130 -18.28 15.52 3.82
N HIS A 131 -19.59 15.47 3.99
CA HIS A 131 -20.18 15.64 5.32
C HIS A 131 -20.91 14.49 5.97
N GLU A 132 -20.71 14.37 7.28
CA GLU A 132 -21.36 13.37 8.10
C GLU A 132 -22.30 14.21 8.96
N ALA A 133 -23.59 14.17 8.69
CA ALA A 133 -24.51 14.98 9.49
C ALA A 133 -24.90 14.25 10.77
N VAL A 134 -24.61 14.84 11.93
CA VAL A 134 -24.96 14.21 13.21
C VAL A 134 -26.31 14.62 13.77
N GLY A 135 -26.93 15.63 13.15
CA GLY A 135 -28.21 16.13 13.62
C GLY A 135 -28.30 17.54 13.10
N LEU A 136 -29.37 18.26 13.43
CA LEU A 136 -29.43 19.62 12.93
C LEU A 136 -29.61 20.67 14.01
N LEU A 137 -29.13 21.87 13.71
CA LEU A 137 -29.22 22.98 14.62
C LEU A 137 -29.69 24.15 13.80
N PRO A 138 -30.26 25.16 14.46
CA PRO A 138 -30.77 26.38 13.83
C PRO A 138 -29.76 27.01 12.88
N GLY A 139 -30.19 27.28 11.65
CA GLY A 139 -29.30 27.87 10.64
C GLY A 139 -29.95 27.82 9.25
N GLU A 140 -29.22 28.23 8.21
CA GLU A 140 -29.81 28.20 6.87
C GLU A 140 -29.89 26.76 6.39
N PRO A 141 -31.11 26.29 6.06
CA PRO A 141 -31.36 24.93 5.58
C PRO A 141 -30.50 24.51 4.42
N GLY A 142 -30.11 23.25 4.42
CA GLY A 142 -29.28 22.76 3.33
C GLY A 142 -27.86 23.23 3.49
N LYS A 143 -27.60 23.96 4.56
CA LYS A 143 -26.27 24.47 4.83
C LYS A 143 -25.68 24.04 6.16
N VAL A 144 -24.36 23.80 6.17
CA VAL A 144 -23.64 23.37 7.37
C VAL A 144 -23.78 24.38 8.49
N ALA A 145 -24.49 23.99 9.54
CA ALA A 145 -24.71 24.89 10.66
C ALA A 145 -23.55 24.99 11.60
N LYS A 146 -22.84 23.87 11.81
CA LYS A 146 -21.72 23.84 12.73
C LYS A 146 -20.86 22.64 12.45
N VAL A 147 -19.54 22.79 12.53
CA VAL A 147 -18.65 21.65 12.29
C VAL A 147 -18.08 21.12 13.61
N PHE A 148 -18.43 19.89 13.95
CA PHE A 148 -17.94 19.32 15.19
C PHE A 148 -16.62 18.61 14.95
N GLN A 149 -16.24 18.47 13.69
CA GLN A 149 -15.00 17.78 13.35
C GLN A 149 -14.59 18.03 11.91
N ARG A 150 -13.48 18.73 11.72
CA ARG A 150 -12.97 19.06 10.40
C ARG A 150 -12.84 17.83 9.50
N GLY A 151 -13.17 18.02 8.22
CA GLY A 151 -13.08 16.95 7.25
C GLY A 151 -12.02 17.30 6.22
N PHE A 152 -11.29 16.30 5.76
CA PHE A 152 -10.26 16.59 4.78
C PHE A 152 -10.30 15.65 3.59
N ARG A 153 -9.87 16.19 2.46
CA ARG A 153 -9.82 15.44 1.22
C ARG A 153 -8.50 15.79 0.57
N MET A 154 -7.81 14.80 0.01
CA MET A 154 -6.58 15.14 -0.69
C MET A 154 -6.94 14.84 -2.14
N GLY A 155 -7.13 15.90 -2.89
CA GLY A 155 -7.51 15.74 -4.29
C GLY A 155 -8.93 15.22 -4.34
N GLU A 156 -9.11 14.11 -5.06
CA GLU A 156 -10.43 13.51 -5.20
C GLU A 156 -10.76 12.63 -4.00
N ALA A 157 -9.71 12.07 -3.40
CA ALA A 157 -9.87 11.17 -2.26
C ALA A 157 -10.31 11.89 -0.99
N LEU A 158 -11.14 11.21 -0.21
CA LEU A 158 -11.61 11.78 1.03
C LEU A 158 -10.75 11.23 2.15
N VAL A 159 -10.00 12.10 2.81
CA VAL A 159 -9.15 11.62 3.91
C VAL A 159 -10.12 11.18 4.98
N ARG A 160 -11.08 12.05 5.28
CA ARG A 160 -12.11 11.75 6.25
C ARG A 160 -13.13 12.89 6.18
N PRO A 161 -14.42 12.53 6.24
CA PRO A 161 -15.55 13.45 6.20
C PRO A 161 -15.65 14.27 7.46
N ALA A 162 -16.33 15.39 7.38
CA ALA A 162 -16.49 16.25 8.54
C ALA A 162 -17.74 15.87 9.32
N ARG A 163 -17.66 15.61 10.62
CA ARG A 163 -18.89 15.31 11.35
C ARG A 163 -19.51 16.69 11.48
N VAL A 164 -20.80 16.83 11.19
CA VAL A 164 -21.37 18.16 11.19
C VAL A 164 -22.84 18.24 11.56
N ALA A 165 -23.31 19.45 11.84
CA ALA A 165 -24.72 19.68 12.17
C ALA A 165 -25.25 20.50 11.00
N VAL A 166 -26.41 20.12 10.48
CA VAL A 166 -26.97 20.82 9.34
C VAL A 166 -28.00 21.83 9.79
N GLY A 167 -28.11 22.96 9.08
CA GLY A 167 -29.04 23.99 9.46
C GLY A 167 -30.51 23.73 9.21
N GLU A 168 -31.36 24.29 10.08
CA GLU A 168 -32.81 24.16 9.97
C GLU A 168 -33.49 25.46 10.41
N GLU A 169 -34.40 25.98 9.59
CA GLU A 169 -35.13 27.20 9.92
C GLU A 169 -36.04 26.89 11.09
N LYS A 170 -36.04 27.75 12.10
CA LYS A 170 -36.85 27.54 13.31
C LYS A 170 -38.29 27.09 13.08
N ARG A 171 -39.14 27.97 12.55
CA ARG A 171 -40.54 27.63 12.32
C ARG A 171 -40.86 27.59 10.82
N GLU B 7 -6.87 -68.73 -44.22
CA GLU B 7 -8.17 -68.11 -44.60
C GLU B 7 -8.76 -67.30 -43.44
N ASN B 8 -8.99 -67.97 -42.32
CA ASN B 8 -9.56 -67.32 -41.14
C ASN B 8 -8.49 -66.68 -40.26
N THR B 9 -7.28 -67.23 -40.28
CA THR B 9 -6.18 -66.70 -39.49
C THR B 9 -5.00 -66.31 -40.37
N LEU B 10 -5.07 -66.65 -41.65
CA LEU B 10 -4.00 -66.31 -42.59
C LEU B 10 -4.16 -64.85 -43.01
N GLU B 11 -5.28 -64.24 -42.61
CA GLU B 11 -5.57 -62.86 -42.94
C GLU B 11 -5.96 -62.07 -41.69
N LYS B 12 -6.41 -62.79 -40.66
CA LYS B 12 -6.81 -62.14 -39.41
C LYS B 12 -5.57 -61.77 -38.59
N ASP B 13 -4.54 -62.60 -38.66
CA ASP B 13 -3.30 -62.36 -37.93
C ASP B 13 -2.66 -61.08 -38.46
N LEU B 14 -3.19 -60.59 -39.58
CA LEU B 14 -2.68 -59.37 -40.19
C LEU B 14 -3.55 -58.21 -39.72
N GLU B 15 -4.79 -58.52 -39.37
CA GLU B 15 -5.73 -57.50 -38.90
C GLU B 15 -5.22 -56.83 -37.63
N ALA B 16 -4.08 -57.31 -37.12
CA ALA B 16 -3.48 -56.76 -35.92
C ALA B 16 -2.70 -55.50 -36.28
N VAL B 17 -2.20 -55.46 -37.52
CA VAL B 17 -1.44 -54.32 -38.00
C VAL B 17 -2.35 -53.10 -38.11
N GLY B 18 -3.58 -53.34 -38.54
CA GLY B 18 -4.54 -52.26 -38.68
C GLY B 18 -4.98 -51.71 -37.34
N GLN B 19 -4.61 -52.41 -36.27
CA GLN B 19 -4.95 -51.99 -34.92
C GLN B 19 -4.04 -50.85 -34.50
N GLU B 20 -2.86 -50.78 -35.12
CA GLU B 20 -1.89 -49.74 -34.83
C GLU B 20 -2.33 -48.43 -35.47
N ALA B 21 -2.52 -48.48 -36.78
CA ALA B 21 -2.94 -47.30 -37.54
C ALA B 21 -4.25 -46.75 -36.97
N GLN B 22 -5.07 -47.63 -36.40
CA GLN B 22 -6.34 -47.23 -35.81
C GLN B 22 -6.08 -46.52 -34.48
N ALA B 23 -4.92 -46.81 -33.89
CA ALA B 23 -4.53 -46.20 -32.62
C ALA B 23 -3.72 -44.94 -32.87
N LEU B 24 -3.02 -44.91 -34.00
CA LEU B 24 -2.20 -43.75 -34.37
C LEU B 24 -3.10 -42.52 -34.48
N GLU B 25 -4.38 -42.75 -34.70
CA GLU B 25 -5.35 -41.68 -34.82
C GLU B 25 -6.02 -41.43 -33.47
N GLU B 26 -5.29 -41.76 -32.40
CA GLU B 26 -5.79 -41.58 -31.04
C GLU B 26 -4.71 -40.85 -30.23
N ARG B 27 -3.46 -41.04 -30.63
CA ARG B 27 -2.34 -40.40 -29.95
C ARG B 27 -2.08 -39.03 -30.56
N LEU B 28 -2.59 -38.82 -31.77
CA LEU B 28 -2.42 -37.55 -32.48
C LEU B 28 -3.75 -36.85 -32.67
N LYS B 29 -4.84 -37.60 -32.50
CA LYS B 29 -6.18 -37.03 -32.64
C LYS B 29 -6.69 -36.54 -31.29
N ALA B 30 -6.07 -37.03 -30.22
CA ALA B 30 -6.44 -36.64 -28.87
C ALA B 30 -5.55 -35.50 -28.40
N ALA B 31 -4.34 -35.42 -28.98
CA ALA B 31 -3.40 -34.37 -28.62
C ALA B 31 -3.99 -33.02 -29.02
N GLU B 32 -4.23 -32.84 -30.31
CA GLU B 32 -4.80 -31.60 -30.83
C GLU B 32 -6.24 -31.38 -30.36
N GLU B 33 -6.68 -32.20 -29.41
CA GLU B 33 -8.02 -32.09 -28.86
C GLU B 33 -7.98 -31.16 -27.65
N GLU B 34 -7.08 -31.46 -26.72
CA GLU B 34 -6.90 -30.66 -25.51
C GLU B 34 -5.82 -29.62 -25.77
N LEU B 35 -4.92 -29.95 -26.68
CA LEU B 35 -3.82 -29.06 -27.07
C LEU B 35 -4.36 -27.99 -28.02
N LYS B 36 -5.68 -27.99 -28.19
CA LYS B 36 -6.36 -27.03 -29.07
C LYS B 36 -6.66 -25.77 -28.25
N GLY B 37 -6.41 -25.85 -26.95
CA GLY B 37 -6.64 -24.73 -26.07
C GLY B 37 -5.47 -24.45 -25.15
N LEU B 38 -4.36 -25.14 -25.41
CA LEU B 38 -3.14 -24.98 -24.61
C LEU B 38 -2.44 -23.68 -24.99
N LYS B 39 -3.03 -22.96 -25.95
CA LYS B 39 -2.51 -21.68 -26.40
C LYS B 39 -3.50 -20.62 -25.92
N ASP B 40 -4.60 -21.09 -25.34
CA ASP B 40 -5.64 -20.21 -24.81
C ASP B 40 -5.48 -20.10 -23.30
N LYS B 41 -5.40 -21.24 -22.62
CA LYS B 41 -5.22 -21.25 -21.17
C LYS B 41 -3.85 -20.67 -20.87
N TYR B 42 -3.12 -20.35 -21.93
CA TYR B 42 -1.80 -19.75 -21.86
C TYR B 42 -1.95 -18.30 -22.29
N LEU B 43 -2.86 -18.07 -23.24
CA LEU B 43 -3.11 -16.74 -23.75
C LEU B 43 -3.63 -15.84 -22.63
N ARG B 44 -4.30 -16.45 -21.66
CA ARG B 44 -4.84 -15.70 -20.52
C ARG B 44 -3.76 -15.55 -19.45
N LEU B 45 -2.94 -16.58 -19.30
CA LEU B 45 -1.87 -16.55 -18.31
C LEU B 45 -0.85 -15.49 -18.68
N LEU B 46 -0.91 -15.01 -19.93
CA LEU B 46 0.00 -13.98 -20.39
C LEU B 46 -0.76 -12.65 -20.45
N ALA B 47 -2.09 -12.73 -20.41
CA ALA B 47 -2.93 -11.52 -20.42
C ALA B 47 -3.05 -11.00 -18.99
N ASP B 48 -2.67 -11.85 -18.04
CA ASP B 48 -2.72 -11.50 -16.63
C ASP B 48 -1.32 -11.19 -16.14
N PHE B 49 -0.32 -11.74 -16.83
CA PHE B 49 1.08 -11.51 -16.49
C PHE B 49 1.57 -10.29 -17.26
N ASP B 50 0.79 -9.88 -18.25
CA ASP B 50 1.10 -8.70 -19.06
C ASP B 50 0.12 -7.65 -18.59
N ASN B 51 -0.69 -8.05 -17.62
CA ASN B 51 -1.70 -7.19 -17.01
C ASN B 51 -1.04 -6.39 -15.88
N TYR B 52 -0.32 -7.09 -15.00
CA TYR B 52 0.37 -6.43 -13.89
C TYR B 52 1.44 -5.49 -14.45
N ARG B 53 2.13 -5.94 -15.49
CA ARG B 53 3.19 -5.16 -16.11
C ARG B 53 2.82 -3.69 -16.30
N LYS B 54 1.53 -3.43 -16.52
CA LYS B 54 1.06 -2.06 -16.72
C LYS B 54 0.27 -1.57 -15.50
N ARG B 55 -0.25 -2.52 -14.72
CA ARG B 55 -1.02 -2.21 -13.53
C ARG B 55 -0.16 -1.68 -12.38
N MET B 56 1.07 -2.17 -12.30
CA MET B 56 1.99 -1.77 -11.23
C MET B 56 2.32 -0.29 -11.18
N GLU B 57 2.60 0.33 -12.33
CA GLU B 57 2.93 1.75 -12.36
C GLU B 57 1.89 2.53 -11.57
N GLU B 58 0.63 2.14 -11.72
CA GLU B 58 -0.47 2.78 -11.00
C GLU B 58 -0.50 2.22 -9.59
N GLU B 59 -0.72 0.90 -9.49
CA GLU B 59 -0.76 0.20 -8.22
C GLU B 59 0.19 0.82 -7.20
N LEU B 60 1.46 0.88 -7.56
CA LEU B 60 2.47 1.44 -6.67
C LEU B 60 2.17 2.88 -6.23
N LYS B 61 1.85 3.75 -7.19
CA LYS B 61 1.58 5.16 -6.89
C LYS B 61 0.47 5.30 -5.85
N ALA B 62 -0.75 4.92 -6.22
CA ALA B 62 -1.89 5.02 -5.32
C ALA B 62 -1.61 4.28 -4.02
N ARG B 63 -0.70 3.32 -4.09
CA ARG B 63 -0.34 2.54 -2.91
C ARG B 63 0.38 3.39 -1.86
N GLU B 64 1.09 4.42 -2.31
CA GLU B 64 1.78 5.32 -1.41
C GLU B 64 0.71 6.20 -0.76
N ARG B 65 -0.20 6.71 -1.59
CA ARG B 65 -1.31 7.52 -1.11
C ARG B 65 -2.01 6.76 0.01
N GLU B 66 -2.07 5.43 -0.14
CA GLU B 66 -2.71 4.59 0.86
C GLU B 66 -2.02 4.80 2.20
N GLY B 67 -0.69 4.75 2.20
CA GLY B 67 0.07 4.94 3.42
C GLY B 67 -0.15 6.33 4.01
N VAL B 68 0.01 7.36 3.17
CA VAL B 68 -0.19 8.73 3.62
C VAL B 68 -1.56 8.93 4.24
N LEU B 69 -2.58 8.35 3.61
CA LEU B 69 -3.93 8.50 4.14
C LEU B 69 -3.98 7.70 5.43
N LYS B 70 -3.54 6.46 5.39
CA LYS B 70 -3.54 5.63 6.58
C LYS B 70 -2.98 6.39 7.78
N ALA B 71 -1.90 7.13 7.56
CA ALA B 71 -1.24 7.94 8.60
C ALA B 71 -2.09 9.14 8.99
N LEU B 72 -2.35 10.02 8.02
CA LEU B 72 -3.17 11.20 8.29
C LEU B 72 -4.42 10.81 9.07
N ARG B 73 -5.07 9.72 8.63
CA ARG B 73 -6.27 9.24 9.27
C ARG B 73 -5.99 9.12 10.74
N ALA B 74 -4.91 8.43 11.06
CA ALA B 74 -4.50 8.20 12.45
C ALA B 74 -4.01 9.41 13.21
N LEU B 75 -3.57 10.43 12.50
CA LEU B 75 -3.04 11.60 13.18
C LEU B 75 -3.92 12.83 13.24
N LEU B 76 -4.98 12.87 12.43
CA LEU B 76 -5.88 14.03 12.46
C LEU B 76 -6.49 14.26 13.86
N PRO B 77 -6.63 13.19 14.66
CA PRO B 77 -7.18 13.36 16.00
C PRO B 77 -6.34 14.36 16.79
N VAL B 78 -5.06 14.44 16.48
CA VAL B 78 -4.20 15.40 17.16
C VAL B 78 -4.75 16.79 16.89
N LEU B 79 -5.01 17.07 15.61
CA LEU B 79 -5.56 18.35 15.19
C LEU B 79 -6.89 18.56 15.88
N ASP B 80 -7.64 17.47 16.03
CA ASP B 80 -8.92 17.54 16.70
C ASP B 80 -8.70 17.95 18.14
N ASP B 81 -7.80 17.27 18.84
CA ASP B 81 -7.50 17.59 20.23
C ASP B 81 -6.98 19.01 20.40
N LEU B 82 -6.22 19.50 19.44
CA LEU B 82 -5.71 20.86 19.53
C LEU B 82 -6.88 21.81 19.60
N ASP B 83 -7.93 21.53 18.83
CA ASP B 83 -9.12 22.38 18.83
C ASP B 83 -9.84 22.21 20.15
N ARG B 84 -9.98 20.96 20.58
CA ARG B 84 -10.64 20.65 21.83
C ARG B 84 -9.95 21.45 22.92
N ALA B 85 -8.62 21.44 22.91
CA ALA B 85 -7.82 22.16 23.89
C ALA B 85 -8.06 23.65 23.84
N LEU B 86 -8.07 24.21 22.64
CA LEU B 86 -8.29 25.63 22.49
C LEU B 86 -9.62 26.07 23.07
N GLU B 87 -10.59 25.16 23.16
CA GLU B 87 -11.91 25.47 23.70
C GLU B 87 -11.94 25.44 25.22
N PHE B 88 -11.32 24.41 25.81
CA PHE B 88 -11.25 24.34 27.26
C PHE B 88 -10.53 25.60 27.74
N ALA B 89 -9.59 26.08 26.92
CA ALA B 89 -8.80 27.27 27.24
C ALA B 89 -9.56 28.56 27.00
N GLU B 90 -10.58 28.49 26.15
CA GLU B 90 -11.39 29.66 25.86
C GLU B 90 -12.23 30.00 27.08
N ALA B 91 -12.50 28.98 27.90
CA ALA B 91 -13.29 29.16 29.12
C ALA B 91 -12.38 29.31 30.32
N SER B 92 -11.45 28.37 30.50
CA SER B 92 -10.52 28.42 31.62
C SER B 92 -9.08 28.37 31.11
N PRO B 93 -8.50 29.53 30.77
CA PRO B 93 -7.12 29.65 30.26
C PRO B 93 -6.08 28.81 31.00
N GLU B 94 -6.28 28.64 32.30
CA GLU B 94 -5.35 27.87 33.12
C GLU B 94 -5.21 26.43 32.65
N SER B 95 -6.32 25.85 32.21
CA SER B 95 -6.34 24.45 31.77
C SER B 95 -5.52 24.13 30.52
N ILE B 96 -5.19 25.15 29.74
CA ILE B 96 -4.44 24.96 28.50
C ILE B 96 -3.17 24.12 28.68
N ARG B 97 -2.46 24.32 29.78
CA ARG B 97 -1.24 23.57 30.00
C ARG B 97 -1.56 22.10 30.14
N GLN B 98 -2.65 21.82 30.84
CA GLN B 98 -3.09 20.44 31.07
C GLN B 98 -3.49 19.75 29.75
N GLY B 99 -4.08 20.52 28.83
CA GLY B 99 -4.52 19.98 27.56
C GLY B 99 -3.34 19.58 26.71
N VAL B 100 -2.37 20.48 26.62
CA VAL B 100 -1.18 20.22 25.82
C VAL B 100 -0.47 18.96 26.29
N ARG B 101 -0.36 18.77 27.60
CA ARG B 101 0.30 17.61 28.16
C ARG B 101 -0.42 16.36 27.66
N ALA B 102 -1.75 16.41 27.67
CA ALA B 102 -2.58 15.29 27.22
C ALA B 102 -2.40 14.98 25.74
N ILE B 103 -2.50 16.03 24.92
CA ILE B 103 -2.35 15.91 23.47
C ILE B 103 -1.00 15.32 23.10
N ARG B 104 0.04 15.81 23.78
CA ARG B 104 1.40 15.35 23.51
C ARG B 104 1.54 13.87 23.82
N ASP B 105 1.04 13.48 24.99
CA ASP B 105 1.10 12.08 25.37
C ASP B 105 0.25 11.28 24.39
N GLY B 106 -0.85 11.88 23.93
CA GLY B 106 -1.71 11.21 22.96
C GLY B 106 -0.94 10.86 21.70
N PHE B 107 -0.25 11.87 21.17
CA PHE B 107 0.56 11.72 19.97
C PHE B 107 1.45 10.48 20.03
N PHE B 108 2.06 10.22 21.19
CA PHE B 108 2.92 9.05 21.32
C PHE B 108 2.13 7.79 21.09
N ARG B 109 1.01 7.64 21.81
CA ARG B 109 0.16 6.45 21.66
C ARG B 109 -0.14 6.22 20.18
N ILE B 110 -0.66 7.25 19.52
CA ILE B 110 -0.97 7.16 18.09
C ILE B 110 0.21 6.56 17.35
N LEU B 111 1.38 7.20 17.48
CA LEU B 111 2.61 6.76 16.82
C LEU B 111 2.85 5.27 17.08
N ALA B 112 2.64 4.87 18.33
CA ALA B 112 2.81 3.48 18.72
C ALA B 112 1.86 2.65 17.85
N GLY B 113 0.65 3.16 17.70
CA GLY B 113 -0.35 2.49 16.91
C GLY B 113 0.14 2.17 15.51
N LEU B 114 0.92 3.07 14.92
CA LEU B 114 1.43 2.82 13.59
C LEU B 114 2.72 2.03 13.65
N GLY B 115 3.09 1.63 14.86
CA GLY B 115 4.29 0.84 15.03
C GLY B 115 5.60 1.60 15.00
N VAL B 116 5.61 2.85 15.46
CA VAL B 116 6.86 3.59 15.48
C VAL B 116 7.21 3.76 16.95
N GLU B 117 8.48 3.52 17.28
CA GLU B 117 8.97 3.65 18.64
C GLU B 117 10.02 4.75 18.65
N GLU B 118 10.29 5.29 19.83
CA GLU B 118 11.28 6.34 19.98
C GLU B 118 12.64 5.64 20.10
N VAL B 119 13.63 6.11 19.37
CA VAL B 119 14.98 5.54 19.39
C VAL B 119 15.60 5.78 20.77
N PRO B 120 16.44 4.85 21.24
CA PRO B 120 17.06 5.01 22.57
C PRO B 120 17.57 6.42 22.80
N GLY B 121 17.30 6.95 23.99
CA GLY B 121 17.70 8.31 24.31
C GLY B 121 18.71 8.53 25.43
N GLU B 122 18.54 9.62 26.16
CA GLU B 122 19.45 9.97 27.25
C GLU B 122 19.90 8.77 28.05
N GLY B 123 21.20 8.68 28.30
CA GLY B 123 21.74 7.57 29.06
C GLY B 123 22.09 6.37 28.21
N GLU B 124 21.38 6.18 27.12
CA GLU B 124 21.61 5.06 26.24
C GLU B 124 22.87 5.25 25.40
N ALA B 125 23.47 4.13 25.00
CA ALA B 125 24.67 4.17 24.17
C ALA B 125 24.41 4.84 22.83
N PHE B 126 25.36 5.64 22.38
CA PHE B 126 25.26 6.30 21.10
C PHE B 126 25.22 5.21 20.05
N ASP B 127 24.38 5.37 19.05
CA ASP B 127 24.27 4.40 18.00
C ASP B 127 23.95 5.20 16.75
N PRO B 128 24.82 5.16 15.75
CA PRO B 128 24.65 5.89 14.50
C PRO B 128 23.45 5.46 13.70
N ARG B 129 22.93 4.29 14.03
CA ARG B 129 21.77 3.77 13.33
C ARG B 129 20.59 4.71 13.62
N TYR B 130 20.57 5.30 14.81
CA TYR B 130 19.49 6.16 15.26
C TYR B 130 19.87 7.59 15.62
N HIS B 131 21.08 7.78 16.10
CA HIS B 131 21.52 9.08 16.56
C HIS B 131 22.30 9.95 15.62
N GLU B 132 22.16 11.25 15.80
CA GLU B 132 22.89 12.24 15.05
C GLU B 132 23.60 13.11 16.11
N ALA B 133 24.86 12.79 16.43
CA ALA B 133 25.61 13.57 17.42
C ALA B 133 25.99 14.93 16.87
N VAL B 134 25.64 15.98 17.57
CA VAL B 134 25.95 17.33 17.10
C VAL B 134 26.96 18.05 18.00
N GLY B 135 27.24 17.46 19.15
CA GLY B 135 28.20 18.05 20.07
C GLY B 135 28.36 17.26 21.36
N LEU B 136 29.03 17.86 22.33
CA LEU B 136 29.24 17.19 23.60
C LEU B 136 28.53 17.91 24.73
N LEU B 137 28.38 17.20 25.84
CA LEU B 137 27.72 17.74 27.02
C LEU B 137 28.00 16.70 28.10
N PRO B 138 28.14 17.13 29.34
CA PRO B 138 28.41 16.27 30.49
C PRO B 138 27.62 14.98 30.46
N GLY B 139 28.21 13.89 30.91
CA GLY B 139 27.49 12.62 30.91
C GLY B 139 28.38 11.48 30.47
N GLU B 140 28.05 10.24 30.85
CA GLU B 140 28.84 9.06 30.50
C GLU B 140 29.37 9.16 29.07
N PRO B 141 30.69 8.98 28.90
CA PRO B 141 31.31 9.04 27.57
C PRO B 141 30.73 8.03 26.59
N GLY B 142 30.59 8.45 25.34
CA GLY B 142 30.07 7.57 24.31
C GLY B 142 28.61 7.24 24.44
N LYS B 143 27.94 7.90 25.38
CA LYS B 143 26.52 7.70 25.60
C LYS B 143 25.76 8.97 25.27
N VAL B 144 24.48 8.81 24.99
CA VAL B 144 23.65 9.95 24.67
C VAL B 144 23.54 10.75 25.96
N ALA B 145 23.85 12.04 25.90
CA ALA B 145 23.81 12.87 27.09
C ALA B 145 22.54 13.71 27.16
N LYS B 146 22.05 14.11 26.00
CA LYS B 146 20.84 14.88 25.95
C LYS B 146 20.28 14.70 24.58
N VAL B 147 18.97 14.65 24.49
CA VAL B 147 18.34 14.52 23.20
C VAL B 147 17.80 15.89 22.87
N PHE B 148 18.27 16.48 21.79
CA PHE B 148 17.80 17.79 21.40
C PHE B 148 16.55 17.67 20.54
N GLN B 149 16.37 16.51 19.90
CA GLN B 149 15.21 16.26 19.06
C GLN B 149 14.94 14.77 19.07
N ARG B 150 13.70 14.39 19.37
CA ARG B 150 13.36 12.97 19.42
C ARG B 150 13.52 12.29 18.06
N GLY B 151 13.93 11.03 18.11
CA GLY B 151 14.11 10.28 16.89
C GLY B 151 13.23 9.06 16.96
N PHE B 152 12.62 8.72 15.83
CA PHE B 152 11.75 7.57 15.79
C PHE B 152 12.11 6.56 14.70
N ARG B 153 11.81 5.31 14.99
CA ARG B 153 12.06 4.24 14.05
C ARG B 153 10.79 3.43 13.93
N MET B 154 10.50 2.98 12.72
CA MET B 154 9.35 2.12 12.51
C MET B 154 9.97 0.76 12.34
N GLY B 155 10.10 0.02 13.43
CA GLY B 155 10.72 -1.28 13.37
C GLY B 155 12.16 -1.17 12.87
N GLU B 156 12.39 -1.55 11.62
CA GLU B 156 13.71 -1.51 11.02
C GLU B 156 14.06 -0.14 10.44
N ALA B 157 13.14 0.44 9.69
CA ALA B 157 13.39 1.74 9.07
C ALA B 157 13.44 2.86 10.11
N LEU B 158 14.07 3.96 9.71
CA LEU B 158 14.21 5.12 10.58
C LEU B 158 13.31 6.25 10.10
N VAL B 159 12.32 6.61 10.90
CA VAL B 159 11.44 7.70 10.51
C VAL B 159 12.30 8.95 10.45
N ARG B 160 13.08 9.15 11.50
CA ARG B 160 14.02 10.26 11.59
C ARG B 160 14.87 10.02 12.83
N PRO B 161 16.15 10.40 12.78
CA PRO B 161 17.12 10.25 13.86
C PRO B 161 17.03 11.35 14.89
N ALA B 162 17.44 11.02 16.10
CA ALA B 162 17.40 11.96 17.19
C ALA B 162 18.64 12.82 17.15
N ARG B 163 18.49 14.14 17.14
CA ARG B 163 19.67 15.01 17.16
C ARG B 163 20.07 14.95 18.64
N VAL B 164 21.27 14.47 18.90
CA VAL B 164 21.72 14.29 20.26
C VAL B 164 23.11 14.85 20.57
N ALA B 165 23.40 15.01 21.85
CA ALA B 165 24.69 15.47 22.33
C ALA B 165 25.25 14.27 23.09
N VAL B 166 26.49 13.92 22.78
CA VAL B 166 27.12 12.78 23.40
C VAL B 166 27.94 13.22 24.61
N GLY B 167 28.04 12.34 25.61
CA GLY B 167 28.78 12.68 26.81
C GLY B 167 30.27 12.79 26.60
N GLU B 168 30.93 13.68 27.34
CA GLU B 168 32.37 13.90 27.24
C GLU B 168 33.14 13.02 28.22
N GLU B 169 34.13 12.28 27.73
CA GLU B 169 34.91 11.39 28.59
C GLU B 169 35.75 12.13 29.62
N LYS B 170 36.46 11.39 30.47
CA LYS B 170 37.32 11.94 31.51
C LYS B 170 36.56 12.34 32.80
#